data_6XKN
#
_entry.id   6XKN
#
_cell.length_a   80.137
_cell.length_b   80.137
_cell.length_c   281.457
_cell.angle_alpha   90.00
_cell.angle_beta   90.00
_cell.angle_gamma   120.00
#
_symmetry.space_group_name_H-M   'P 65 2 2'
#
loop_
_entity.id
_entity.type
_entity.pdbx_description
1 polymer 'Class III PreQ1 riboswitch'
2 non-polymer 7-DEAZA-7-AMINOMETHYL-GUANINE
3 water water
#
_entity_poly.entity_id   1
_entity_poly.type   'polyribonucleotide'
_entity_poly.pdbx_seq_one_letter_code
;(GTP)AGCAACUUAGGAUUUUAGGCUCCCCGGCGUGUCUCGAACCAUGCCGGGCCGAACCCAUAGGGCUGGCGGUCCCUG
UGCGGUCAAAAUUCAUCCGCCGGAG
;
_entity_poly.pdbx_strand_id   A
#